data_6GNO
#
_entry.id   6GNO
#
_cell.length_a   59.422
_cell.length_b   59.422
_cell.length_c   115.893
_cell.angle_alpha   90.00
_cell.angle_beta   90.00
_cell.angle_gamma   120.00
#
_symmetry.space_group_name_H-M   'P 31 2 1'
#
loop_
_entity.id
_entity.type
_entity.pdbx_description
1 polymer Transthyretin
2 non-polymer "4,4'-propane-2,2-diylbis(2,6-dibromophenol)"
3 non-polymer 'SULFATE ION'
4 water water
#
_entity_poly.entity_id   1
_entity_poly.type   'polypeptide(L)'
_entity_poly.pdbx_seq_one_letter_code
;GAMAPTPTDKHGGSDTRCPLMVKILDAVKGTPAGSVALKVSQKTADGGWTQIATGVTDATGEIHNLITEQQFPAGVYRVE
FDTKAYWTNQGSTPFHEVAEVVFDAHPEGHRHYTLALLLSPFSYTTTAVVSSVHE
;
_entity_poly.pdbx_strand_id   A,B
#
# COMPACT_ATOMS: atom_id res chain seq x y z
N CYS A 18 23.74 4.37 -3.82
CA CYS A 18 22.48 3.69 -4.10
C CYS A 18 21.30 4.65 -3.93
N PRO A 19 20.45 4.73 -4.96
CA PRO A 19 19.34 5.70 -4.94
C PRO A 19 18.05 5.22 -4.30
N LEU A 20 17.94 3.96 -3.90
CA LEU A 20 16.71 3.42 -3.34
C LEU A 20 17.04 2.59 -2.10
N MET A 21 16.57 3.04 -0.95
CA MET A 21 16.78 2.44 0.34
C MET A 21 15.42 2.14 0.95
N VAL A 22 15.41 1.17 1.87
CA VAL A 22 14.23 0.91 2.68
C VAL A 22 14.64 0.91 4.14
N LYS A 23 13.66 1.20 4.99
CA LYS A 23 13.85 1.14 6.44
C LYS A 23 12.53 0.68 7.05
N ILE A 24 12.51 -0.53 7.58
CA ILE A 24 11.27 -1.13 8.09
C ILE A 24 11.38 -1.31 9.60
N LEU A 25 10.32 -0.92 10.31
N LEU A 25 10.36 -0.89 10.33
CA LEU A 25 10.21 -0.99 11.76
CA LEU A 25 10.30 -1.07 11.77
C LEU A 25 9.01 -1.84 12.15
C LEU A 25 9.03 -1.83 12.16
N ASP A 26 9.18 -2.65 13.21
CA ASP A 26 8.12 -3.47 13.79
C ASP A 26 7.55 -2.70 14.98
N ALA A 27 6.30 -2.23 14.87
CA ALA A 27 5.65 -1.39 15.87
C ALA A 27 5.14 -2.17 17.08
N VAL A 28 5.15 -3.50 17.02
CA VAL A 28 4.81 -4.31 18.16
C VAL A 28 6.01 -4.47 19.08
N LYS A 29 7.17 -4.76 18.49
CA LYS A 29 8.38 -5.04 19.23
C LYS A 29 9.27 -3.84 19.48
N GLY A 30 9.18 -2.78 18.67
CA GLY A 30 10.12 -1.69 18.83
C GLY A 30 11.49 -1.99 18.29
N THR A 31 11.58 -2.76 17.22
CA THR A 31 12.85 -3.14 16.63
C THR A 31 12.69 -2.99 15.14
N PRO A 32 13.79 -2.89 14.39
CA PRO A 32 13.68 -3.02 12.93
C PRO A 32 13.07 -4.37 12.59
N ALA A 33 12.40 -4.41 11.45
CA ALA A 33 11.79 -5.63 10.96
C ALA A 33 12.81 -6.36 10.09
N GLY A 34 13.41 -7.39 10.65
CA GLY A 34 14.37 -8.19 9.93
C GLY A 34 13.71 -9.30 9.14
N SER A 35 14.39 -9.71 8.07
CA SER A 35 13.99 -10.87 7.28
C SER A 35 12.65 -10.66 6.58
N VAL A 36 12.40 -9.42 6.12
CA VAL A 36 11.23 -9.12 5.28
C VAL A 36 11.66 -9.17 3.83
N ALA A 37 11.02 -10.05 3.06
CA ALA A 37 11.23 -10.16 1.62
C ALA A 37 10.51 -9.03 0.88
N LEU A 38 11.17 -8.52 -0.15
CA LEU A 38 10.52 -7.53 -1.00
C LEU A 38 10.97 -7.73 -2.43
N LYS A 39 10.23 -7.11 -3.34
N LYS A 39 10.23 -7.11 -3.34
CA LYS A 39 10.63 -7.04 -4.73
CA LYS A 39 10.56 -7.05 -4.76
C LYS A 39 10.35 -5.64 -5.29
C LYS A 39 10.34 -5.64 -5.29
N VAL A 40 11.21 -5.23 -6.20
CA VAL A 40 11.15 -3.92 -6.84
C VAL A 40 10.85 -4.14 -8.30
N SER A 41 9.81 -3.47 -8.80
CA SER A 41 9.36 -3.61 -10.16
C SER A 41 9.25 -2.25 -10.81
N GLN A 42 9.49 -2.23 -12.11
CA GLN A 42 9.46 -1.03 -12.93
C GLN A 42 8.29 -1.13 -13.89
N LYS A 43 7.47 -0.08 -13.95
CA LYS A 43 6.28 -0.13 -14.79
C LYS A 43 6.66 -0.11 -16.27
N THR A 44 5.91 -0.88 -17.07
CA THR A 44 6.11 -0.95 -18.51
C THR A 44 5.04 -0.15 -19.24
N ALA A 45 5.26 0.04 -20.55
CA ALA A 45 4.40 0.91 -21.34
C ALA A 45 2.97 0.38 -21.40
N ASP A 46 2.79 -0.93 -21.45
CA ASP A 46 1.46 -1.49 -21.56
C ASP A 46 0.82 -1.71 -20.20
N GLY A 47 1.39 -1.14 -19.15
CA GLY A 47 0.82 -1.22 -17.83
C GLY A 47 1.30 -2.39 -17.02
N GLY A 48 2.24 -3.17 -17.55
CA GLY A 48 2.78 -4.27 -16.81
C GLY A 48 3.91 -3.84 -15.90
N TRP A 49 4.57 -4.84 -15.35
CA TRP A 49 5.58 -4.65 -14.33
C TRP A 49 6.77 -5.54 -14.63
N THR A 50 7.96 -4.97 -14.64
CA THR A 50 9.19 -5.74 -14.80
C THR A 50 9.92 -5.85 -13.46
N GLN A 51 10.14 -7.06 -12.99
CA GLN A 51 10.91 -7.21 -11.76
C GLN A 51 12.36 -6.84 -12.01
N ILE A 52 12.91 -5.91 -11.23
CA ILE A 52 14.30 -5.51 -11.43
C ILE A 52 15.20 -5.86 -10.27
N ALA A 53 14.66 -6.06 -9.07
CA ALA A 53 15.49 -6.44 -7.94
C ALA A 53 14.63 -7.08 -6.86
N THR A 54 15.29 -7.88 -6.03
CA THR A 54 14.67 -8.50 -4.86
C THR A 54 15.68 -8.47 -3.74
N GLY A 55 15.18 -8.64 -2.54
CA GLY A 55 16.05 -8.79 -1.39
C GLY A 55 15.25 -9.07 -0.14
N VAL A 56 15.99 -9.25 0.95
CA VAL A 56 15.46 -9.54 2.27
C VAL A 56 16.13 -8.60 3.26
N THR A 57 15.34 -7.93 4.10
CA THR A 57 15.97 -6.98 5.02
C THR A 57 16.89 -7.69 6.02
N ASP A 58 17.95 -6.99 6.38
CA ASP A 58 18.85 -7.44 7.43
C ASP A 58 18.26 -7.10 8.80
N ALA A 59 19.04 -7.28 9.85
CA ALA A 59 18.52 -7.06 11.18
C ALA A 59 18.29 -5.59 11.50
N THR A 60 18.75 -4.67 10.64
CA THR A 60 18.48 -3.25 10.81
C THR A 60 17.30 -2.79 9.97
N GLY A 61 16.55 -3.73 9.39
CA GLY A 61 15.41 -3.33 8.60
C GLY A 61 15.75 -2.75 7.25
N GLU A 62 16.93 -3.04 6.72
CA GLU A 62 17.44 -2.40 5.50
C GLU A 62 17.88 -3.44 4.50
N ILE A 63 18.07 -3.00 3.26
CA ILE A 63 18.77 -3.79 2.24
C ILE A 63 19.82 -2.91 1.60
N HIS A 64 21.09 -3.17 1.91
CA HIS A 64 22.17 -2.33 1.39
C HIS A 64 22.33 -2.59 -0.10
N ASN A 65 22.45 -1.50 -0.86
CA ASN A 65 22.81 -1.56 -2.28
C ASN A 65 21.77 -2.33 -3.09
N LEU A 66 20.51 -1.99 -2.88
CA LEU A 66 19.41 -2.76 -3.45
C LEU A 66 19.40 -2.69 -4.98
N ILE A 67 19.71 -1.52 -5.55
CA ILE A 67 19.77 -1.32 -6.99
C ILE A 67 20.82 -0.25 -7.26
N THR A 68 21.26 -0.19 -8.51
CA THR A 68 22.26 0.78 -8.94
C THR A 68 21.60 1.98 -9.59
N GLU A 69 22.39 3.04 -9.72
CA GLU A 69 22.01 4.21 -10.52
C GLU A 69 21.49 3.80 -11.89
N GLN A 70 22.23 2.92 -12.59
CA GLN A 70 21.89 2.54 -13.96
C GLN A 70 20.58 1.78 -14.03
N GLN A 71 20.26 1.01 -13.00
CA GLN A 71 19.01 0.26 -12.91
C GLN A 71 17.81 1.12 -12.55
N PHE A 72 18.00 2.42 -12.30
CA PHE A 72 16.95 3.26 -11.72
C PHE A 72 16.75 4.51 -12.56
N PRO A 73 16.38 4.34 -13.83
CA PRO A 73 15.97 5.48 -14.64
C PRO A 73 14.64 6.05 -14.17
N ALA A 74 14.36 7.26 -14.62
CA ALA A 74 13.09 7.90 -14.31
C ALA A 74 11.95 6.99 -14.73
N GLY A 75 10.91 6.94 -13.90
CA GLY A 75 9.73 6.15 -14.21
C GLY A 75 9.01 5.72 -12.95
N VAL A 76 7.92 4.99 -13.14
CA VAL A 76 7.10 4.51 -12.01
C VAL A 76 7.64 3.18 -11.50
N TYR A 77 7.77 3.08 -10.18
CA TYR A 77 8.23 1.87 -9.52
C TYR A 77 7.21 1.39 -8.51
N ARG A 78 7.20 0.07 -8.27
N ARG A 78 7.22 0.07 -8.30
CA ARG A 78 6.43 -0.53 -7.20
CA ARG A 78 6.48 -0.59 -7.24
C ARG A 78 7.36 -1.40 -6.37
C ARG A 78 7.46 -1.36 -6.38
N VAL A 79 7.42 -1.12 -5.07
CA VAL A 79 8.14 -1.97 -4.12
C VAL A 79 7.09 -2.71 -3.31
N GLU A 80 7.10 -4.05 -3.43
CA GLU A 80 6.14 -4.94 -2.80
C GLU A 80 6.84 -5.64 -1.64
N PHE A 81 6.38 -5.38 -0.43
CA PHE A 81 6.95 -5.96 0.78
C PHE A 81 6.05 -7.11 1.24
N ASP A 82 6.66 -8.27 1.49
CA ASP A 82 5.89 -9.44 1.95
C ASP A 82 5.75 -9.39 3.46
N THR A 83 4.83 -8.54 3.90
CA THR A 83 4.57 -8.34 5.31
C THR A 83 3.77 -9.50 5.90
N LYS A 84 2.94 -10.18 5.10
CA LYS A 84 2.17 -11.31 5.61
C LYS A 84 3.09 -12.37 6.23
N ALA A 85 4.06 -12.83 5.47
CA ALA A 85 4.94 -13.86 5.97
C ALA A 85 5.73 -13.37 7.18
N TYR A 86 6.05 -12.08 7.24
CA TYR A 86 6.74 -11.54 8.41
C TYR A 86 5.91 -11.74 9.66
N TRP A 87 4.61 -11.43 9.57
CA TRP A 87 3.74 -11.56 10.72
C TRP A 87 3.44 -13.01 11.06
N THR A 88 3.12 -13.82 10.05
N THR A 88 3.17 -13.85 10.06
CA THR A 88 2.93 -15.25 10.31
CA THR A 88 2.88 -15.23 10.41
C THR A 88 4.10 -15.80 11.13
C THR A 88 4.10 -15.92 11.04
N ASN A 89 5.32 -15.48 10.70
CA ASN A 89 6.48 -15.98 11.42
C ASN A 89 6.56 -15.45 12.85
N GLN A 90 6.04 -14.24 13.09
CA GLN A 90 6.01 -13.67 14.43
C GLN A 90 4.91 -14.28 15.28
N GLY A 91 3.96 -14.97 14.67
CA GLY A 91 2.87 -15.61 15.37
C GLY A 91 1.54 -14.88 15.30
N SER A 92 1.44 -13.81 14.50
CA SER A 92 0.23 -13.03 14.39
C SER A 92 -0.43 -13.33 13.05
N THR A 93 -1.72 -12.99 12.98
CA THR A 93 -2.50 -13.17 11.78
C THR A 93 -2.73 -11.79 11.18
N PRO A 94 -2.03 -11.42 10.09
CA PRO A 94 -2.10 -10.04 9.60
C PRO A 94 -3.30 -9.81 8.69
N PHE A 95 -3.61 -8.53 8.54
CA PHE A 95 -4.62 -8.10 7.59
C PHE A 95 -4.10 -8.07 6.15
N HIS A 96 -2.98 -7.40 5.92
CA HIS A 96 -2.55 -7.17 4.54
C HIS A 96 -1.82 -8.37 3.96
N GLU A 97 -1.98 -8.55 2.65
CA GLU A 97 -1.30 -9.62 1.93
C GLU A 97 0.15 -9.22 1.67
N VAL A 98 0.35 -7.94 1.35
CA VAL A 98 1.65 -7.33 1.09
C VAL A 98 1.50 -5.86 1.46
N ALA A 99 2.63 -5.17 1.63
CA ALA A 99 2.66 -3.72 1.64
C ALA A 99 3.17 -3.24 0.29
N GLU A 100 2.45 -2.30 -0.33
CA GLU A 100 2.78 -1.79 -1.64
C GLU A 100 3.16 -0.32 -1.55
N VAL A 101 4.29 0.02 -2.16
CA VAL A 101 4.71 1.40 -2.29
C VAL A 101 4.96 1.68 -3.77
N VAL A 102 4.12 2.53 -4.36
CA VAL A 102 4.16 2.83 -5.79
C VAL A 102 4.41 4.32 -5.95
N PHE A 103 5.42 4.67 -6.75
CA PHE A 103 5.81 6.06 -6.88
C PHE A 103 6.51 6.30 -8.22
N ASP A 104 6.42 7.54 -8.67
CA ASP A 104 7.16 7.99 -9.85
C ASP A 104 8.52 8.52 -9.38
N ALA A 105 9.60 7.97 -9.93
CA ALA A 105 10.95 8.32 -9.54
C ALA A 105 11.54 9.33 -10.52
N HIS A 106 12.24 10.32 -9.96
CA HIS A 106 12.94 11.37 -10.69
C HIS A 106 14.40 11.41 -10.21
N PRO A 107 15.22 10.45 -10.63
CA PRO A 107 16.55 10.29 -10.04
C PRO A 107 17.60 11.31 -10.50
N GLU A 108 17.24 12.29 -11.32
CA GLU A 108 18.23 13.26 -11.78
C GLU A 108 18.93 13.91 -10.60
N GLY A 109 20.22 14.21 -10.78
CA GLY A 109 20.99 14.86 -9.75
C GLY A 109 21.27 14.01 -8.53
N HIS A 110 21.33 12.69 -8.70
CA HIS A 110 21.56 11.78 -7.58
C HIS A 110 20.53 11.97 -6.47
N ARG A 111 19.29 12.29 -6.87
CA ARG A 111 18.19 12.30 -5.91
C ARG A 111 17.99 10.89 -5.35
N HIS A 112 17.83 10.79 -4.03
CA HIS A 112 17.77 9.53 -3.32
C HIS A 112 16.42 9.36 -2.65
N TYR A 113 15.99 8.11 -2.54
CA TYR A 113 14.67 7.73 -2.02
C TYR A 113 14.84 6.74 -0.88
N THR A 114 14.28 7.05 0.28
CA THR A 114 14.21 6.11 1.40
C THR A 114 12.74 5.81 1.65
N LEU A 115 12.38 4.54 1.50
CA LEU A 115 11.04 4.06 1.79
C LEU A 115 11.02 3.55 3.23
N ALA A 116 10.43 4.35 4.11
CA ALA A 116 10.18 3.98 5.50
C ALA A 116 8.83 3.30 5.62
N LEU A 117 8.82 2.21 6.37
CA LEU A 117 7.64 1.38 6.54
C LEU A 117 7.56 0.98 7.99
N LEU A 118 6.41 1.26 8.60
CA LEU A 118 6.12 0.94 9.98
C LEU A 118 5.02 -0.12 9.98
N LEU A 119 5.29 -1.28 10.59
CA LEU A 119 4.39 -2.42 10.50
C LEU A 119 3.75 -2.79 11.84
N SER A 120 2.45 -3.01 11.81
CA SER A 120 1.67 -3.71 12.82
C SER A 120 0.82 -4.74 12.13
N PRO A 121 0.29 -5.74 12.85
CA PRO A 121 -0.46 -6.76 12.12
C PRO A 121 -1.65 -6.23 11.33
N PHE A 122 -2.38 -5.22 11.82
CA PHE A 122 -3.52 -4.69 11.07
C PHE A 122 -3.33 -3.24 10.58
N SER A 123 -2.09 -2.79 10.43
CA SER A 123 -1.86 -1.42 10.00
C SER A 123 -0.42 -1.29 9.51
N TYR A 124 -0.22 -0.50 8.46
CA TYR A 124 1.14 -0.03 8.20
C TYR A 124 1.12 1.41 7.71
N THR A 125 2.25 2.07 7.91
CA THR A 125 2.47 3.42 7.43
C THR A 125 3.62 3.39 6.43
N THR A 126 3.43 4.03 5.28
CA THR A 126 4.47 4.14 4.25
C THR A 126 4.80 5.60 4.08
N THR A 127 6.03 5.96 4.40
CA THR A 127 6.55 7.32 4.35
C THR A 127 7.73 7.30 3.39
N ALA A 128 7.95 8.42 2.72
CA ALA A 128 9.11 8.56 1.84
C ALA A 128 9.98 9.71 2.33
N VAL A 129 11.28 9.48 2.35
CA VAL A 129 12.26 10.53 2.58
C VAL A 129 12.99 10.71 1.26
N VAL A 130 12.78 11.86 0.62
CA VAL A 130 13.36 12.15 -0.68
C VAL A 130 14.33 13.32 -0.57
N SER A 131 15.56 13.11 -1.04
CA SER A 131 16.61 14.12 -0.99
C SER A 131 16.24 15.31 -1.86
N CYS B 18 -23.40 -4.41 3.77
CA CYS B 18 -22.24 -4.15 2.93
C CYS B 18 -20.98 -4.56 3.68
N PRO B 19 -20.18 -5.46 3.11
CA PRO B 19 -19.04 -6.00 3.84
C PRO B 19 -17.75 -5.20 3.72
N LEU B 20 -17.72 -4.12 2.93
CA LEU B 20 -16.48 -3.38 2.68
C LEU B 20 -16.78 -1.90 2.64
N MET B 21 -16.23 -1.17 3.60
CA MET B 21 -16.39 0.28 3.72
C MET B 21 -15.00 0.91 3.80
N VAL B 22 -14.96 2.23 3.63
CA VAL B 22 -13.72 2.99 3.71
C VAL B 22 -13.97 4.24 4.54
N LYS B 23 -12.91 4.72 5.20
CA LYS B 23 -12.92 6.01 5.89
C LYS B 23 -11.56 6.63 5.65
N ILE B 24 -11.55 7.79 4.99
CA ILE B 24 -10.31 8.46 4.61
C ILE B 24 -10.26 9.83 5.27
N LEU B 25 -9.14 10.11 5.95
N LEU B 25 -9.15 10.12 5.95
CA LEU B 25 -8.91 11.39 6.61
CA LEU B 25 -8.94 11.40 6.60
C LEU B 25 -7.71 12.07 5.98
C LEU B 25 -7.69 12.08 6.06
N ASP B 26 -7.78 13.40 5.90
CA ASP B 26 -6.69 14.23 5.44
C ASP B 26 -5.98 14.74 6.69
N ALA B 27 -4.73 14.30 6.86
CA ALA B 27 -3.92 14.61 8.03
C ALA B 27 -3.31 15.99 7.97
N VAL B 28 -3.45 16.69 6.85
CA VAL B 28 -3.00 18.07 6.78
C VAL B 28 -4.08 18.99 7.31
N LYS B 29 -5.31 18.76 6.88
CA LYS B 29 -6.43 19.63 7.25
C LYS B 29 -7.22 19.15 8.46
N GLY B 30 -7.10 17.89 8.86
CA GLY B 30 -7.97 17.38 9.91
C GLY B 30 -9.42 17.24 9.50
N THR B 31 -9.69 16.94 8.24
CA THR B 31 -11.03 16.72 7.73
C THR B 31 -11.08 15.40 6.98
N PRO B 32 -12.26 14.82 6.81
CA PRO B 32 -12.34 13.67 5.90
C PRO B 32 -11.88 14.07 4.51
N ALA B 33 -11.33 13.10 3.79
CA ALA B 33 -10.89 13.32 2.42
C ALA B 33 -12.04 13.01 1.45
N GLY B 34 -12.69 14.06 0.96
CA GLY B 34 -13.79 13.90 0.03
C GLY B 34 -13.30 13.76 -1.39
N SER B 35 -14.14 13.14 -2.20
CA SER B 35 -13.92 13.03 -3.64
C SER B 35 -12.68 12.22 -3.99
N VAL B 36 -12.27 11.27 -3.14
CA VAL B 36 -11.19 10.35 -3.48
C VAL B 36 -11.75 9.18 -4.28
N ALA B 37 -11.23 8.97 -5.49
CA ALA B 37 -11.65 7.89 -6.34
C ALA B 37 -10.95 6.59 -5.96
N LEU B 38 -11.66 5.48 -6.12
CA LEU B 38 -11.06 4.20 -5.84
C LEU B 38 -11.63 3.13 -6.74
N LYS B 39 -10.85 2.07 -6.85
CA LYS B 39 -11.17 0.87 -7.60
C LYS B 39 -10.92 -0.35 -6.74
N VAL B 40 -11.83 -1.31 -6.81
CA VAL B 40 -11.79 -2.55 -6.05
C VAL B 40 -11.59 -3.69 -7.04
N SER B 41 -10.60 -4.55 -6.76
CA SER B 41 -10.32 -5.68 -7.62
C SER B 41 -10.14 -6.94 -6.78
N GLN B 42 -10.44 -8.07 -7.40
CA GLN B 42 -10.32 -9.39 -6.81
C GLN B 42 -9.26 -10.19 -7.57
N LYS B 43 -8.39 -10.87 -6.83
CA LYS B 43 -7.33 -11.66 -7.45
C LYS B 43 -7.89 -12.94 -8.05
N THR B 44 -7.48 -13.23 -9.27
CA THR B 44 -7.83 -14.49 -9.91
C THR B 44 -6.88 -15.63 -9.50
N ALA B 45 -7.25 -16.86 -9.86
CA ALA B 45 -6.42 -18.01 -9.51
C ALA B 45 -5.05 -17.95 -10.15
N ASP B 46 -4.95 -17.43 -11.37
CA ASP B 46 -3.65 -17.35 -12.03
C ASP B 46 -2.86 -16.12 -11.63
N GLY B 47 -3.38 -15.31 -10.72
CA GLY B 47 -2.62 -14.22 -10.18
C GLY B 47 -2.93 -12.89 -10.78
N GLY B 48 -3.93 -12.82 -11.65
CA GLY B 48 -4.37 -11.57 -12.23
C GLY B 48 -5.40 -10.90 -11.35
N TRP B 49 -6.01 -9.86 -11.91
CA TRP B 49 -6.94 -9.01 -11.17
C TRP B 49 -8.18 -8.75 -12.00
N THR B 50 -9.34 -8.85 -11.38
N THR B 50 -9.33 -8.86 -11.35
CA THR B 50 -10.58 -8.47 -12.04
CA THR B 50 -10.62 -8.52 -11.94
C THR B 50 -11.23 -7.35 -11.25
C THR B 50 -11.18 -7.31 -11.19
N GLN B 51 -11.42 -6.21 -11.90
CA GLN B 51 -12.07 -5.07 -11.24
C GLN B 51 -13.53 -5.43 -11.00
N ILE B 52 -14.01 -5.19 -9.77
CA ILE B 52 -15.39 -5.51 -9.44
C ILE B 52 -16.21 -4.31 -9.02
N ALA B 53 -15.59 -3.17 -8.69
CA ALA B 53 -16.34 -1.99 -8.28
C ALA B 53 -15.45 -0.76 -8.37
N THR B 54 -16.10 0.39 -8.51
CA THR B 54 -15.47 1.69 -8.36
C THR B 54 -16.36 2.56 -7.47
N GLY B 55 -15.77 3.66 -6.99
CA GLY B 55 -16.50 4.60 -6.18
C GLY B 55 -15.69 5.86 -5.96
N VAL B 56 -16.29 6.80 -5.25
N VAL B 56 -16.28 6.78 -5.22
CA VAL B 56 -15.68 8.07 -4.89
CA VAL B 56 -15.65 8.06 -4.89
C VAL B 56 -16.15 8.41 -3.48
C VAL B 56 -16.14 8.44 -3.50
N THR B 57 -15.22 8.86 -2.63
CA THR B 57 -15.65 9.17 -1.28
C THR B 57 -16.52 10.42 -1.29
N ASP B 58 -17.50 10.41 -0.39
CA ASP B 58 -18.33 11.58 -0.14
C ASP B 58 -17.59 12.54 0.79
N ALA B 59 -18.27 13.63 1.18
CA ALA B 59 -17.62 14.63 2.00
C ALA B 59 -17.26 14.12 3.39
N THR B 60 -17.77 12.96 3.80
CA THR B 60 -17.38 12.36 5.06
C THR B 60 -16.23 11.37 4.92
N GLY B 61 -15.63 11.29 3.75
CA GLY B 61 -14.55 10.35 3.54
C GLY B 61 -15.00 8.92 3.41
N GLU B 62 -16.29 8.70 3.13
CA GLU B 62 -16.83 7.35 3.10
C GLU B 62 -17.44 7.01 1.75
N ILE B 63 -17.65 5.73 1.53
CA ILE B 63 -18.44 5.26 0.40
C ILE B 63 -19.44 4.23 0.91
N HIS B 64 -20.69 4.37 0.51
CA HIS B 64 -21.72 3.42 0.93
C HIS B 64 -22.03 2.47 -0.23
N ASN B 65 -22.34 1.23 0.11
CA ASN B 65 -22.75 0.20 -0.85
C ASN B 65 -21.70 -0.02 -1.94
N LEU B 66 -20.43 -0.10 -1.53
CA LEU B 66 -19.35 -0.35 -2.48
C LEU B 66 -19.56 -1.67 -3.22
N ILE B 67 -19.70 -2.78 -2.46
CA ILE B 67 -20.01 -4.10 -3.03
C ILE B 67 -21.07 -4.76 -2.17
N THR B 68 -21.61 -5.87 -2.68
CA THR B 68 -22.54 -6.70 -1.92
C THR B 68 -21.82 -7.93 -1.34
N GLU B 69 -22.47 -8.58 -0.38
CA GLU B 69 -21.93 -9.82 0.18
C GLU B 69 -21.78 -10.89 -0.90
N GLN B 70 -22.71 -10.90 -1.86
CA GLN B 70 -22.64 -11.85 -2.96
C GLN B 70 -21.38 -11.65 -3.79
N GLN B 71 -20.86 -10.43 -3.85
CA GLN B 71 -19.67 -10.12 -4.61
C GLN B 71 -18.39 -10.33 -3.82
N PHE B 72 -18.47 -10.84 -2.59
CA PHE B 72 -17.35 -10.77 -1.65
C PHE B 72 -17.09 -12.14 -1.04
N PRO B 73 -16.70 -13.12 -1.85
CA PRO B 73 -16.19 -14.37 -1.30
C PRO B 73 -14.81 -14.16 -0.67
N ALA B 74 -14.34 -15.18 0.03
CA ALA B 74 -12.99 -15.11 0.55
C ALA B 74 -12.01 -14.99 -0.60
N GLY B 75 -10.86 -14.40 -0.32
CA GLY B 75 -9.83 -14.28 -1.33
C GLY B 75 -9.00 -13.06 -1.10
N VAL B 76 -8.12 -12.79 -2.05
CA VAL B 76 -7.26 -11.61 -2.01
C VAL B 76 -7.95 -10.49 -2.79
N TYR B 77 -8.09 -9.34 -2.14
CA TYR B 77 -8.64 -8.13 -2.75
C TYR B 77 -7.64 -7.00 -2.72
N ARG B 78 -7.85 -6.06 -3.62
CA ARG B 78 -7.05 -4.85 -3.72
C ARG B 78 -7.97 -3.65 -3.87
N VAL B 79 -7.77 -2.62 -3.06
CA VAL B 79 -8.41 -1.34 -3.27
C VAL B 79 -7.33 -0.34 -3.64
N GLU B 80 -7.48 0.27 -4.83
CA GLU B 80 -6.58 1.31 -5.32
C GLU B 80 -7.24 2.67 -5.11
N PHE B 81 -6.64 3.49 -4.26
CA PHE B 81 -7.12 4.85 -3.98
C PHE B 81 -6.28 5.82 -4.79
N ASP B 82 -6.95 6.70 -5.56
CA ASP B 82 -6.26 7.69 -6.40
C ASP B 82 -5.87 8.91 -5.56
N THR B 83 -4.86 8.68 -4.70
CA THR B 83 -4.39 9.72 -3.79
C THR B 83 -3.57 10.77 -4.51
N LYS B 84 -2.92 10.42 -5.63
CA LYS B 84 -2.15 11.43 -6.36
C LYS B 84 -3.04 12.54 -6.91
N ALA B 85 -4.22 12.16 -7.43
CA ALA B 85 -5.17 13.16 -7.90
C ALA B 85 -5.73 13.97 -6.75
N TYR B 86 -5.97 13.31 -5.60
CA TYR B 86 -6.48 14.02 -4.44
C TYR B 86 -5.50 15.11 -4.01
N TRP B 87 -4.20 14.78 -3.94
CA TRP B 87 -3.21 15.76 -3.48
C TRP B 87 -2.98 16.86 -4.51
N THR B 88 -2.91 16.49 -5.79
CA THR B 88 -2.81 17.52 -6.83
C THR B 88 -3.95 18.52 -6.71
N ASN B 89 -5.18 18.04 -6.51
CA ASN B 89 -6.30 18.95 -6.39
C ASN B 89 -6.25 19.75 -5.09
N GLN B 90 -5.67 19.19 -4.03
CA GLN B 90 -5.47 19.98 -2.82
C GLN B 90 -4.40 21.03 -3.02
N GLY B 91 -3.53 20.88 -4.01
CA GLY B 91 -2.45 21.83 -4.23
C GLY B 91 -1.12 21.41 -3.64
N SER B 92 -0.94 20.14 -3.35
CA SER B 92 0.29 19.63 -2.74
C SER B 92 0.81 18.50 -3.60
N THR B 93 2.07 18.61 -3.96
CA THR B 93 2.78 17.57 -4.67
C THR B 93 2.84 16.29 -3.85
N PRO B 94 2.33 15.17 -4.34
CA PRO B 94 2.39 13.93 -3.56
C PRO B 94 3.58 13.04 -3.88
N PHE B 95 3.90 12.12 -2.97
CA PHE B 95 4.89 11.10 -3.28
C PHE B 95 4.30 9.94 -4.04
N HIS B 96 3.23 9.34 -3.52
CA HIS B 96 2.76 8.07 -4.06
C HIS B 96 1.97 8.29 -5.34
N GLU B 97 2.16 7.37 -6.28
CA GLU B 97 1.41 7.37 -7.52
C GLU B 97 -0.01 6.89 -7.29
N VAL B 98 -0.19 6.09 -6.25
CA VAL B 98 -1.48 5.49 -5.91
C VAL B 98 -1.33 4.91 -4.51
N ALA B 99 -2.44 4.73 -3.82
CA ALA B 99 -2.42 4.06 -2.53
C ALA B 99 -3.12 2.73 -2.72
N GLU B 100 -2.38 1.62 -2.65
CA GLU B 100 -2.93 0.28 -2.86
C GLU B 100 -3.04 -0.45 -1.53
N VAL B 101 -4.23 -0.94 -1.23
CA VAL B 101 -4.44 -1.75 -0.02
C VAL B 101 -4.82 -3.15 -0.46
N VAL B 102 -3.95 -4.11 -0.15
CA VAL B 102 -4.10 -5.48 -0.64
C VAL B 102 -4.27 -6.38 0.58
N PHE B 103 -5.38 -7.12 0.63
CA PHE B 103 -5.71 -7.84 1.84
C PHE B 103 -6.41 -9.15 1.55
N ASP B 104 -6.31 -10.10 2.48
N ASP B 104 -6.30 -10.05 2.52
CA ASP B 104 -7.00 -11.39 2.37
CA ASP B 104 -7.00 -11.32 2.53
C ASP B 104 -8.28 -11.34 3.20
C ASP B 104 -8.35 -11.11 3.20
N ALA B 105 -9.41 -11.51 2.53
CA ALA B 105 -10.73 -11.40 3.11
C ALA B 105 -11.20 -12.77 3.59
N HIS B 106 -11.81 -12.77 4.77
CA HIS B 106 -12.38 -13.97 5.39
C HIS B 106 -13.80 -13.66 5.81
N PRO B 107 -14.71 -13.58 4.84
CA PRO B 107 -16.07 -13.09 5.14
C PRO B 107 -16.94 -14.05 5.94
N GLU B 108 -16.57 -15.32 6.10
CA GLU B 108 -17.47 -16.24 6.77
C GLU B 108 -17.94 -15.65 8.10
N GLY B 109 -19.26 -15.63 8.30
CA GLY B 109 -19.85 -15.13 9.52
C GLY B 109 -20.30 -13.68 9.48
N HIS B 110 -20.38 -13.07 8.31
CA HIS B 110 -20.81 -11.69 8.17
C HIS B 110 -19.77 -10.71 8.71
N ARG B 111 -18.52 -11.16 8.80
CA ARG B 111 -17.41 -10.28 9.08
C ARG B 111 -17.37 -9.15 8.05
N HIS B 112 -17.35 -7.91 8.54
CA HIS B 112 -17.25 -6.71 7.72
C HIS B 112 -15.89 -6.05 7.90
N TYR B 113 -15.44 -5.34 6.88
CA TYR B 113 -14.15 -4.68 6.85
C TYR B 113 -14.32 -3.18 6.61
N THR B 114 -13.64 -2.37 7.40
CA THR B 114 -13.52 -0.95 7.13
C THR B 114 -12.06 -0.65 6.90
N LEU B 115 -11.75 -0.16 5.70
CA LEU B 115 -10.41 0.29 5.35
C LEU B 115 -10.27 1.75 5.73
N ALA B 116 -9.47 2.01 6.74
CA ALA B 116 -9.19 3.36 7.20
C ALA B 116 -7.87 3.83 6.59
N LEU B 117 -7.85 5.08 6.16
CA LEU B 117 -6.71 5.59 5.42
C LEU B 117 -6.47 7.03 5.86
N LEU B 118 -5.24 7.29 6.31
CA LEU B 118 -4.80 8.60 6.78
C LEU B 118 -3.77 9.14 5.79
N LEU B 119 -4.07 10.26 5.17
CA LEU B 119 -3.31 10.78 4.05
C LEU B 119 -2.53 12.04 4.39
N SER B 120 -1.24 12.02 4.10
CA SER B 120 -0.38 13.18 3.96
C SER B 120 0.33 13.10 2.62
N PRO B 121 0.86 14.23 2.11
CA PRO B 121 1.44 14.18 0.75
C PRO B 121 2.53 13.14 0.57
N PHE B 122 3.40 12.97 1.58
CA PHE B 122 4.50 12.01 1.50
C PHE B 122 4.35 10.82 2.46
N SER B 123 3.13 10.54 2.91
CA SER B 123 2.94 9.46 3.87
C SER B 123 1.48 9.07 3.95
N TYR B 124 1.20 7.76 4.05
CA TYR B 124 -0.14 7.38 4.44
C TYR B 124 -0.10 6.13 5.31
N THR B 125 -1.15 5.99 6.10
CA THR B 125 -1.35 4.86 6.99
C THR B 125 -2.60 4.14 6.55
N THR B 126 -2.49 2.82 6.34
CA THR B 126 -3.62 1.95 5.99
C THR B 126 -3.86 1.01 7.15
N THR B 127 -5.05 1.10 7.73
CA THR B 127 -5.47 0.26 8.85
C THR B 127 -6.77 -0.42 8.46
N ALA B 128 -7.11 -1.48 9.16
CA ALA B 128 -8.41 -2.12 8.96
C ALA B 128 -9.13 -2.26 10.29
N VAL B 129 -10.45 -2.05 10.28
CA VAL B 129 -11.33 -2.40 11.38
C VAL B 129 -12.17 -3.58 10.92
N VAL B 130 -12.02 -4.71 11.59
N VAL B 130 -12.03 -4.70 11.61
CA VAL B 130 -12.66 -5.96 11.18
CA VAL B 130 -12.65 -5.95 11.20
C VAL B 130 -13.65 -6.33 12.27
C VAL B 130 -13.66 -6.33 12.28
N SER B 131 -14.91 -6.46 11.88
CA SER B 131 -15.99 -6.75 12.84
C SER B 131 -15.86 -8.15 13.39
#